data_6A17
#
_entry.id   6A17
#
_cell.length_a   58.857
_cell.length_b   58.857
_cell.length_c   539.215
_cell.angle_alpha   90.00
_cell.angle_beta   90.00
_cell.angle_gamma   120.00
#
_symmetry.space_group_name_H-M   'P 61 2 2'
#
loop_
_entity.id
_entity.type
_entity.pdbx_description
1 polymer 'Cytochrome P450 90B1'
2 non-polymer (2R,3S)-4-(4-chlorophenyl)-2-phenyl-3-(1H-1,2,4-triazol-1-yl)butan-2-ol
3 non-polymer 'PROTOPORPHYRIN IX CONTAINING FE'
4 non-polymer GLYCEROL
5 non-polymer 'CHLORIDE ION'
6 water water
#
_entity_poly.entity_id   1
_entity_poly.type   'polypeptide(L)'
_entity_poly.pdbx_seq_one_letter_code
;MAKRRNRKTRFNLPPGKSGWPFLGETIGYLKPYTATTLGDFMQQHVSKYGKIYRSNLFGEPTIVSADAGLNRFILQNEGR
LFECSYPRSIGGILGKWSMLVLVGDMHRDMRSISLNFLSHARLRTILLKDVERHTLFVLDSWQQNSIFSAQDEAKKFTFN
LMAKHIMSMDPGEEETEQLKKEYVTFMKGVVSAPLNLPGTAYHKALQSRATILKFIERKMEERKLDIKERKQRTDDDLLG
WVLKHSNLSTEQILDLILSLLFAGHETSSVAIALAIFFLQACPKAVEELREEHLEIARAKKELGESELNWDDYKKMDFTQ
CVINETLRLGNVVRFLHRKALKDVRYKGYDIPSGWKVLPVISAVHLDNSRYDQPNLFNPWRWQQQNTWGNNYMPFGGGPR
LCAGSELAKLEMAVFIHHLVLKFNWELAEDDKPFAFPFVDFPNGLLIRVSRILHHHH
;
_entity_poly.pdbx_strand_id   A
#
# COMPACT_ATOMS: atom_id res chain seq x y z
N ARG A 10 20.87 -32.62 10.10
CA ARG A 10 19.73 -33.32 9.54
C ARG A 10 19.06 -32.46 8.45
N PHE A 11 18.84 -31.18 8.76
CA PHE A 11 18.29 -30.24 7.81
C PHE A 11 19.40 -29.55 7.03
N ASN A 12 19.16 -29.34 5.74
CA ASN A 12 20.08 -28.55 4.90
C ASN A 12 19.56 -27.12 4.86
N LEU A 13 19.79 -26.40 5.96
CA LEU A 13 19.32 -25.04 6.07
C LEU A 13 20.04 -24.13 5.09
N PRO A 14 19.39 -23.06 4.62
CA PRO A 14 20.10 -22.06 3.85
C PRO A 14 21.23 -21.48 4.67
N PRO A 15 22.29 -21.02 4.02
CA PRO A 15 23.43 -20.47 4.78
C PRO A 15 23.06 -19.14 5.44
N GLY A 16 23.79 -18.82 6.49
CA GLY A 16 23.58 -17.58 7.20
C GLY A 16 23.99 -17.70 8.65
N LYS A 17 23.83 -16.60 9.37
CA LYS A 17 24.17 -16.50 10.79
C LYS A 17 22.93 -16.08 11.58
N SER A 18 23.00 -16.28 12.90
CA SER A 18 21.89 -15.99 13.79
C SER A 18 21.96 -14.59 14.41
N GLY A 19 23.09 -13.89 14.28
CA GLY A 19 23.23 -12.58 14.89
C GLY A 19 23.40 -12.67 16.40
N TRP A 20 23.01 -11.59 17.07
CA TRP A 20 23.07 -11.58 18.52
C TRP A 20 22.02 -12.55 19.10
N PRO A 21 22.28 -13.14 20.27
CA PRO A 21 21.36 -14.15 20.80
C PRO A 21 19.92 -13.67 20.91
N PHE A 22 19.70 -12.44 21.37
CA PHE A 22 18.33 -11.93 21.47
C PHE A 22 17.94 -11.10 20.26
N LEU A 23 18.77 -10.10 19.93
CA LEU A 23 18.43 -9.19 18.83
C LEU A 23 18.60 -9.84 17.46
N GLY A 24 19.35 -10.93 17.37
CA GLY A 24 19.61 -11.53 16.07
C GLY A 24 20.23 -10.51 15.13
N GLU A 25 19.70 -10.45 13.91
CA GLU A 25 20.10 -9.43 12.95
C GLU A 25 18.99 -8.40 12.72
N THR A 26 18.08 -8.24 13.69
CA THR A 26 16.95 -7.34 13.52
C THR A 26 17.41 -5.90 13.30
N ILE A 27 18.36 -5.44 14.11
CA ILE A 27 18.82 -4.05 14.01
C ILE A 27 19.33 -3.76 12.60
N GLY A 28 20.30 -4.55 12.14
CA GLY A 28 20.81 -4.35 10.80
C GLY A 28 19.76 -4.51 9.72
N TYR A 29 18.80 -5.41 9.94
CA TYR A 29 17.75 -5.63 8.95
C TYR A 29 16.83 -4.43 8.84
N LEU A 30 16.59 -3.72 9.95
CA LEU A 30 15.69 -2.57 9.96
C LEU A 30 16.40 -1.26 9.65
N LYS A 31 17.71 -1.27 9.49
CA LYS A 31 18.45 -0.05 9.20
C LYS A 31 17.87 0.64 7.97
N PRO A 32 17.53 1.92 8.04
CA PRO A 32 16.95 2.59 6.88
C PRO A 32 17.86 2.53 5.66
N TYR A 33 17.25 2.58 4.48
CA TYR A 33 17.99 2.53 3.24
C TYR A 33 17.15 3.15 2.13
N THR A 34 17.82 3.63 1.09
CA THR A 34 17.13 4.24 -0.03
C THR A 34 16.13 3.26 -0.63
N ALA A 35 14.90 3.73 -0.83
CA ALA A 35 13.81 2.84 -1.21
C ALA A 35 13.97 2.28 -2.61
N THR A 36 14.82 2.87 -3.45
CA THR A 36 15.05 2.36 -4.79
C THR A 36 16.06 1.24 -4.84
N THR A 37 16.64 0.87 -3.71
CA THR A 37 17.55 -0.26 -3.60
C THR A 37 16.99 -1.26 -2.59
N LEU A 38 17.79 -2.28 -2.28
CA LEU A 38 17.43 -3.24 -1.25
C LEU A 38 18.13 -2.98 0.08
N GLY A 39 19.09 -2.07 0.12
CA GLY A 39 19.82 -1.77 1.34
C GLY A 39 21.12 -2.54 1.42
N ASP A 40 22.05 -1.98 2.20
CA ASP A 40 23.35 -2.62 2.37
C ASP A 40 23.21 -3.98 3.07
N PHE A 41 22.36 -4.05 4.09
CA PHE A 41 22.18 -5.32 4.80
C PHE A 41 21.75 -6.42 3.83
N MET A 42 20.64 -6.21 3.12
CA MET A 42 20.16 -7.22 2.19
C MET A 42 21.14 -7.45 1.05
N GLN A 43 21.73 -6.36 0.52
CA GLN A 43 22.65 -6.49 -0.61
C GLN A 43 23.86 -7.32 -0.23
N GLN A 44 24.41 -7.11 0.97
CA GLN A 44 25.60 -7.84 1.38
C GLN A 44 25.28 -9.29 1.72
N HIS A 45 24.10 -9.53 2.32
CA HIS A 45 23.72 -10.89 2.68
C HIS A 45 23.42 -11.74 1.45
N VAL A 46 22.76 -11.15 0.45
CA VAL A 46 22.53 -11.89 -0.78
C VAL A 46 23.83 -12.16 -1.51
N SER A 47 24.79 -11.24 -1.42
CA SER A 47 26.07 -11.43 -2.11
C SER A 47 26.90 -12.53 -1.46
N LYS A 48 26.87 -12.63 -0.14
CA LYS A 48 27.69 -13.62 0.55
C LYS A 48 27.01 -14.99 0.58
N TYR A 49 25.71 -15.03 0.87
CA TYR A 49 25.01 -16.29 1.04
C TYR A 49 24.12 -16.69 -0.12
N GLY A 50 23.85 -15.78 -1.05
CA GLY A 50 22.91 -16.04 -2.13
C GLY A 50 21.53 -15.53 -1.81
N LYS A 51 20.62 -15.74 -2.76
CA LYS A 51 19.29 -15.16 -2.65
C LYS A 51 18.42 -15.83 -1.60
N ILE A 52 18.84 -16.96 -1.04
CA ILE A 52 18.11 -17.65 0.02
C ILE A 52 19.08 -17.85 1.18
N TYR A 53 18.86 -17.14 2.28
CA TYR A 53 19.72 -17.27 3.45
C TYR A 53 18.87 -17.27 4.71
N ARG A 54 19.49 -17.70 5.81
CA ARG A 54 18.85 -17.75 7.12
C ARG A 54 19.37 -16.64 8.01
N SER A 55 18.55 -16.27 8.99
CA SER A 55 18.89 -15.24 9.96
C SER A 55 18.05 -15.48 11.21
N ASN A 56 18.19 -14.59 12.17
CA ASN A 56 17.29 -14.52 13.32
C ASN A 56 16.75 -13.11 13.40
N LEU A 57 15.44 -12.97 13.17
CA LEU A 57 14.82 -11.66 13.04
C LEU A 57 13.52 -11.64 13.83
N PHE A 58 13.32 -10.57 14.62
CA PHE A 58 12.13 -10.42 15.44
C PHE A 58 11.99 -11.59 16.42
N GLY A 59 13.12 -12.10 16.91
CA GLY A 59 13.13 -13.17 17.88
C GLY A 59 12.86 -14.55 17.34
N GLU A 60 12.92 -14.74 16.03
CA GLU A 60 12.57 -16.02 15.42
C GLU A 60 13.63 -16.43 14.40
N PRO A 61 14.02 -17.70 14.38
CA PRO A 61 14.82 -18.20 13.26
C PRO A 61 14.07 -17.98 11.94
N THR A 62 14.73 -17.32 11.00
CA THR A 62 14.05 -16.80 9.82
C THR A 62 14.80 -17.17 8.55
N ILE A 63 14.03 -17.49 7.51
CA ILE A 63 14.57 -17.70 6.17
C ILE A 63 14.20 -16.50 5.31
N VAL A 64 15.22 -15.79 4.82
CA VAL A 64 15.04 -14.62 3.97
C VAL A 64 15.17 -15.04 2.52
N SER A 65 14.21 -14.66 1.69
CA SER A 65 14.16 -15.08 0.29
C SER A 65 14.10 -13.85 -0.61
N ALA A 66 15.20 -13.60 -1.32
CA ALA A 66 15.22 -12.69 -2.46
C ALA A 66 15.05 -13.44 -3.78
N ASP A 67 14.54 -14.66 -3.73
CA ASP A 67 14.41 -15.52 -4.90
C ASP A 67 12.99 -15.43 -5.44
N ALA A 68 12.86 -14.95 -6.67
CA ALA A 68 11.53 -14.73 -7.26
C ALA A 68 10.74 -16.03 -7.32
N GLY A 69 11.37 -17.11 -7.79
CA GLY A 69 10.67 -18.38 -7.85
C GLY A 69 10.23 -18.87 -6.48
N LEU A 70 11.10 -18.73 -5.47
CA LEU A 70 10.73 -19.13 -4.12
C LEU A 70 9.62 -18.25 -3.57
N ASN A 71 9.64 -16.95 -3.88
CA ASN A 71 8.62 -16.06 -3.35
C ASN A 71 7.25 -16.34 -3.96
N ARG A 72 7.21 -16.58 -5.27
CA ARG A 72 5.95 -16.98 -5.89
C ARG A 72 5.43 -18.28 -5.29
N PHE A 73 6.32 -19.25 -5.07
CA PHE A 73 5.91 -20.50 -4.44
C PHE A 73 5.33 -20.26 -3.05
N ILE A 74 5.95 -19.35 -2.28
CA ILE A 74 5.43 -19.04 -0.95
C ILE A 74 4.05 -18.40 -1.05
N LEU A 75 3.91 -17.39 -1.92
CA LEU A 75 2.65 -16.68 -2.04
C LEU A 75 1.53 -17.58 -2.54
N GLN A 76 1.83 -18.43 -3.53
CA GLN A 76 0.78 -19.27 -4.11
C GLN A 76 0.30 -20.33 -3.13
N ASN A 77 1.13 -20.70 -2.16
CA ASN A 77 0.80 -21.77 -1.22
C ASN A 77 0.36 -21.24 0.14
N GLU A 78 -0.17 -20.02 0.19
CA GLU A 78 -0.78 -19.53 1.41
C GLU A 78 -1.89 -20.48 1.85
N GLY A 79 -1.85 -20.91 3.11
CA GLY A 79 -2.80 -21.84 3.65
C GLY A 79 -2.40 -23.30 3.55
N ARG A 80 -1.56 -23.64 2.58
CA ARG A 80 -1.09 -25.02 2.39
C ARG A 80 0.23 -25.24 3.12
N LEU A 81 1.30 -24.59 2.64
CA LEU A 81 2.63 -24.75 3.18
C LEU A 81 3.11 -23.57 4.02
N PHE A 82 2.56 -22.38 3.81
CA PHE A 82 2.97 -21.19 4.55
C PHE A 82 1.72 -20.47 5.06
N GLU A 83 1.94 -19.55 5.99
CA GLU A 83 0.82 -18.86 6.63
C GLU A 83 1.24 -17.46 7.02
N CYS A 84 0.34 -16.51 6.78
CA CYS A 84 0.56 -15.14 7.22
C CYS A 84 0.89 -15.11 8.71
N SER A 85 2.00 -14.46 9.06
CA SER A 85 2.45 -14.46 10.44
C SER A 85 3.27 -13.19 10.75
N TYR A 86 2.59 -12.07 10.97
CA TYR A 86 3.24 -10.81 11.23
C TYR A 86 3.49 -10.62 12.72
N PRO A 87 4.44 -9.74 13.08
CA PRO A 87 4.71 -9.50 14.50
C PRO A 87 3.46 -9.07 15.25
N ARG A 88 3.49 -9.30 16.56
CA ARG A 88 2.32 -9.03 17.40
C ARG A 88 1.85 -7.58 17.32
N SER A 89 2.72 -6.66 16.92
CA SER A 89 2.30 -5.26 16.82
C SER A 89 1.14 -5.10 15.86
N ILE A 90 1.14 -5.87 14.76
CA ILE A 90 0.04 -5.79 13.81
C ILE A 90 -1.26 -6.25 14.46
N GLY A 91 -1.24 -7.44 15.07
CA GLY A 91 -2.45 -7.94 15.70
C GLY A 91 -2.95 -7.06 16.84
N GLY A 92 -2.02 -6.40 17.55
CA GLY A 92 -2.42 -5.55 18.65
C GLY A 92 -3.05 -4.24 18.19
N ILE A 93 -2.50 -3.66 17.13
CA ILE A 93 -2.98 -2.37 16.64
C ILE A 93 -4.14 -2.54 15.65
N LEU A 94 -3.98 -3.43 14.67
CA LEU A 94 -5.01 -3.62 13.66
C LEU A 94 -6.17 -4.46 14.15
N GLY A 95 -6.01 -5.21 15.24
CA GLY A 95 -7.10 -5.97 15.81
C GLY A 95 -7.05 -7.43 15.43
N LYS A 96 -7.53 -8.28 16.33
CA LYS A 96 -7.52 -9.72 16.10
C LYS A 96 -8.47 -10.14 14.99
N TRP A 97 -9.32 -9.24 14.51
CA TRP A 97 -10.24 -9.54 13.41
C TRP A 97 -9.80 -8.93 12.09
N SER A 98 -8.62 -8.29 12.06
CA SER A 98 -8.10 -7.76 10.81
C SER A 98 -7.60 -8.90 9.91
N MET A 99 -7.68 -8.67 8.60
CA MET A 99 -7.34 -9.72 7.65
C MET A 99 -5.90 -10.19 7.81
N LEU A 100 -5.01 -9.34 8.32
CA LEU A 100 -3.60 -9.70 8.38
C LEU A 100 -3.34 -10.76 9.45
N VAL A 101 -4.18 -10.86 10.47
CA VAL A 101 -4.01 -11.85 11.52
C VAL A 101 -5.02 -12.99 11.44
N LEU A 102 -6.02 -12.89 10.56
CA LEU A 102 -6.99 -13.95 10.38
C LEU A 102 -6.49 -14.94 9.34
N VAL A 103 -6.79 -16.23 9.58
CA VAL A 103 -6.45 -17.29 8.65
C VAL A 103 -7.66 -18.19 8.51
N GLY A 104 -7.68 -18.94 7.40
CA GLY A 104 -8.76 -19.91 7.21
C GLY A 104 -10.06 -19.26 6.78
N ASP A 105 -11.17 -19.83 7.25
CA ASP A 105 -12.48 -19.39 6.80
C ASP A 105 -12.74 -17.93 7.17
N MET A 106 -12.40 -17.54 8.40
CA MET A 106 -12.65 -16.16 8.82
C MET A 106 -11.89 -15.17 7.93
N HIS A 107 -10.68 -15.53 7.49
CA HIS A 107 -9.99 -14.68 6.54
C HIS A 107 -10.67 -14.73 5.17
N ARG A 108 -11.16 -15.89 4.77
CA ARG A 108 -11.90 -15.99 3.53
C ARG A 108 -13.11 -15.05 3.53
N ASP A 109 -13.95 -15.15 4.56
CA ASP A 109 -15.13 -14.30 4.65
C ASP A 109 -14.74 -12.82 4.61
N MET A 110 -13.78 -12.41 5.46
CA MET A 110 -13.36 -11.02 5.47
C MET A 110 -12.85 -10.59 4.09
N ARG A 111 -12.06 -11.44 3.43
CA ARG A 111 -11.52 -11.06 2.13
C ARG A 111 -12.63 -10.96 1.07
N SER A 112 -13.63 -11.83 1.15
CA SER A 112 -14.74 -11.77 0.20
C SER A 112 -15.62 -10.55 0.46
N ILE A 113 -15.92 -10.29 1.73
CA ILE A 113 -16.61 -9.05 2.09
C ILE A 113 -15.85 -7.85 1.53
N SER A 114 -14.53 -7.85 1.69
CA SER A 114 -13.71 -6.76 1.18
C SER A 114 -13.82 -6.65 -0.34
N LEU A 115 -13.80 -7.79 -1.04
CA LEU A 115 -13.88 -7.77 -2.49
C LEU A 115 -15.31 -7.54 -2.98
N ASN A 116 -16.30 -8.02 -2.23
CA ASN A 116 -17.69 -7.74 -2.59
C ASN A 116 -17.97 -6.24 -2.55
N PHE A 117 -17.38 -5.54 -1.58
CA PHE A 117 -17.57 -4.10 -1.50
C PHE A 117 -16.78 -3.39 -2.59
N LEU A 118 -15.58 -3.90 -2.91
CA LEU A 118 -14.76 -3.36 -4.00
C LEU A 118 -15.04 -4.06 -5.33
N SER A 119 -16.27 -4.51 -5.56
CA SER A 119 -16.59 -5.19 -6.81
C SER A 119 -16.38 -4.25 -7.99
N HIS A 120 -16.27 -4.86 -9.18
CA HIS A 120 -16.05 -4.07 -10.39
C HIS A 120 -17.21 -3.10 -10.62
N ALA A 121 -18.44 -3.56 -10.36
CA ALA A 121 -19.59 -2.68 -10.50
C ALA A 121 -19.47 -1.48 -9.58
N ARG A 122 -19.16 -1.72 -8.30
CA ARG A 122 -19.02 -0.63 -7.35
C ARG A 122 -17.77 0.20 -7.65
N LEU A 123 -16.70 -0.44 -8.11
CA LEU A 123 -15.50 0.28 -8.49
C LEU A 123 -15.71 1.12 -9.74
N ARG A 124 -16.72 0.80 -10.55
CA ARG A 124 -17.00 1.52 -11.78
C ARG A 124 -17.90 2.73 -11.57
N THR A 125 -18.70 2.75 -10.50
CA THR A 125 -19.65 3.82 -10.27
C THR A 125 -19.17 4.62 -9.07
N ILE A 126 -19.53 4.23 -7.84
CA ILE A 126 -19.20 4.96 -6.63
C ILE A 126 -17.74 5.39 -6.60
N LEU A 127 -16.85 4.41 -6.43
CA LEU A 127 -15.45 4.71 -6.10
C LEU A 127 -14.82 5.64 -7.14
N LEU A 128 -15.18 5.48 -8.41
CA LEU A 128 -14.54 6.27 -9.46
C LEU A 128 -14.83 7.75 -9.30
N LYS A 129 -16.09 8.10 -9.02
CA LYS A 129 -16.44 9.52 -8.92
C LYS A 129 -15.82 10.16 -7.69
N ASP A 130 -15.84 9.46 -6.55
CA ASP A 130 -15.21 10.00 -5.36
C ASP A 130 -13.71 10.16 -5.54
N VAL A 131 -13.08 9.28 -6.30
CA VAL A 131 -11.63 9.37 -6.52
C VAL A 131 -11.29 10.65 -7.26
N GLU A 132 -12.02 10.94 -8.34
CA GLU A 132 -11.79 12.20 -9.04
C GLU A 132 -12.30 13.38 -8.23
N ARG A 133 -13.40 13.19 -7.49
CA ARG A 133 -13.93 14.26 -6.66
C ARG A 133 -12.92 14.69 -5.60
N HIS A 134 -12.38 13.72 -4.84
CA HIS A 134 -11.36 14.04 -3.85
C HIS A 134 -10.03 14.40 -4.48
N THR A 135 -9.78 13.96 -5.71
CA THR A 135 -8.54 14.34 -6.39
C THR A 135 -8.52 15.83 -6.69
N LEU A 136 -9.60 16.35 -7.25
CA LEU A 136 -9.67 17.78 -7.55
C LEU A 136 -9.78 18.62 -6.28
N PHE A 137 -10.46 18.10 -5.25
CA PHE A 137 -10.55 18.81 -3.99
C PHE A 137 -9.16 19.16 -3.46
N VAL A 138 -8.19 18.27 -3.66
CA VAL A 138 -6.83 18.52 -3.21
C VAL A 138 -6.06 19.35 -4.23
N LEU A 139 -6.17 19.00 -5.52
CA LEU A 139 -5.40 19.69 -6.54
C LEU A 139 -5.89 21.11 -6.77
N ASP A 140 -7.18 21.37 -6.59
CA ASP A 140 -7.71 22.71 -6.82
C ASP A 140 -7.12 23.73 -5.85
N SER A 141 -6.58 23.30 -4.73
CA SER A 141 -6.08 24.20 -3.69
C SER A 141 -4.60 24.49 -3.81
N TRP A 142 -3.91 23.91 -4.79
CA TRP A 142 -2.49 24.18 -4.96
C TRP A 142 -2.26 25.51 -5.65
N GLN A 143 -1.13 26.14 -5.33
CA GLN A 143 -0.79 27.46 -5.84
C GLN A 143 0.68 27.48 -6.23
N GLN A 144 0.97 27.92 -7.45
CA GLN A 144 2.31 27.78 -7.99
C GLN A 144 3.30 28.68 -7.25
N ASN A 145 4.56 28.26 -7.27
CA ASN A 145 5.65 28.98 -6.63
C ASN A 145 5.59 28.84 -5.12
N SER A 146 4.54 28.22 -4.60
CA SER A 146 4.48 27.90 -3.18
C SER A 146 5.13 26.55 -2.94
N ILE A 147 5.87 26.45 -1.84
CA ILE A 147 6.62 25.25 -1.50
C ILE A 147 5.82 24.50 -0.44
N PHE A 148 5.29 23.33 -0.83
CA PHE A 148 4.50 22.50 0.06
C PHE A 148 4.96 21.05 -0.03
N SER A 149 4.50 20.24 0.92
CA SER A 149 4.87 18.83 0.99
C SER A 149 3.94 18.02 0.10
N ALA A 150 4.47 17.49 -0.99
CA ALA A 150 3.68 16.58 -1.83
C ALA A 150 3.27 15.34 -1.05
N GLN A 151 4.08 14.91 -0.09
CA GLN A 151 3.74 13.75 0.72
C GLN A 151 2.51 14.04 1.58
N ASP A 152 2.50 15.19 2.26
CA ASP A 152 1.33 15.58 3.05
C ASP A 152 0.09 15.65 2.18
N GLU A 153 0.19 16.28 1.01
CA GLU A 153 -0.96 16.41 0.13
C GLU A 153 -1.47 15.05 -0.32
N ALA A 154 -0.57 14.15 -0.71
CA ALA A 154 -0.97 12.79 -1.06
C ALA A 154 -1.69 12.13 0.10
N LYS A 155 -1.14 12.24 1.30
CA LYS A 155 -1.78 11.66 2.48
C LYS A 155 -3.16 12.27 2.71
N LYS A 156 -3.30 13.58 2.47
CA LYS A 156 -4.61 14.21 2.61
C LYS A 156 -5.60 13.63 1.61
N PHE A 157 -5.16 13.41 0.38
CA PHE A 157 -6.04 12.84 -0.64
C PHE A 157 -6.50 11.44 -0.24
N THR A 158 -5.56 10.56 0.09
CA THR A 158 -5.91 9.17 0.35
C THR A 158 -6.75 9.02 1.62
N PHE A 159 -6.46 9.83 2.64
CA PHE A 159 -7.24 9.71 3.88
C PHE A 159 -8.66 10.22 3.69
N ASN A 160 -8.80 11.40 3.05
CA ASN A 160 -10.14 11.90 2.74
C ASN A 160 -10.94 10.85 1.97
N LEU A 161 -10.33 10.29 0.92
CA LEU A 161 -11.04 9.31 0.09
C LEU A 161 -11.44 8.08 0.92
N MET A 162 -10.48 7.48 1.62
CA MET A 162 -10.78 6.30 2.41
C MET A 162 -11.83 6.59 3.48
N ALA A 163 -11.73 7.74 4.14
CA ALA A 163 -12.73 8.10 5.14
C ALA A 163 -14.12 8.20 4.53
N LYS A 164 -14.20 8.66 3.27
CA LYS A 164 -15.48 8.74 2.60
C LYS A 164 -16.02 7.35 2.27
N HIS A 165 -15.18 6.51 1.64
CA HIS A 165 -15.62 5.18 1.25
C HIS A 165 -15.97 4.32 2.46
N ILE A 166 -15.29 4.53 3.58
CA ILE A 166 -15.47 3.65 4.73
C ILE A 166 -16.67 4.09 5.57
N MET A 167 -16.76 5.39 5.86
CA MET A 167 -17.75 5.88 6.83
C MET A 167 -18.49 7.12 6.35
N SER A 168 -18.43 7.43 5.05
CA SER A 168 -19.17 8.56 4.50
C SER A 168 -18.75 9.87 5.15
N MET A 169 -17.52 9.94 5.64
CA MET A 169 -17.04 11.13 6.32
C MET A 169 -16.46 12.10 5.30
N ASP A 170 -16.85 13.36 5.41
CA ASP A 170 -16.45 14.38 4.45
C ASP A 170 -15.23 15.14 4.96
N PRO A 171 -14.34 15.56 4.05
CA PRO A 171 -13.18 16.34 4.47
C PRO A 171 -13.58 17.71 4.95
N GLY A 172 -13.03 18.13 6.10
CA GLY A 172 -13.30 19.43 6.65
C GLY A 172 -14.33 19.46 7.78
N GLU A 173 -15.00 18.35 8.05
CA GLU A 173 -15.91 18.28 9.17
C GLU A 173 -15.14 18.39 10.49
N GLU A 174 -15.87 18.37 11.59
CA GLU A 174 -15.23 18.35 12.90
C GLU A 174 -14.74 16.95 13.25
N GLU A 175 -15.57 15.93 13.00
CA GLU A 175 -15.16 14.56 13.32
C GLU A 175 -14.09 14.05 12.36
N THR A 176 -14.04 14.60 11.15
CA THR A 176 -13.01 14.18 10.20
C THR A 176 -11.63 14.67 10.63
N GLU A 177 -11.53 15.97 10.95
CA GLU A 177 -10.24 16.50 11.38
C GLU A 177 -9.81 15.89 12.71
N GLN A 178 -10.77 15.62 13.60
CA GLN A 178 -10.44 14.97 14.86
C GLN A 178 -10.01 13.52 14.64
N LEU A 179 -10.54 12.86 13.62
CA LEU A 179 -10.10 11.50 13.31
C LEU A 179 -8.68 11.50 12.78
N LYS A 180 -8.33 12.46 11.92
CA LYS A 180 -6.97 12.55 11.40
C LYS A 180 -5.97 12.74 12.53
N LYS A 181 -6.24 13.69 13.43
CA LYS A 181 -5.34 13.92 14.55
C LYS A 181 -5.17 12.67 15.40
N GLU A 182 -6.28 11.97 15.66
CA GLU A 182 -6.19 10.75 16.46
C GLU A 182 -5.52 9.62 15.69
N TYR A 183 -5.74 9.57 14.38
CA TYR A 183 -5.15 8.50 13.56
C TYR A 183 -3.62 8.63 13.50
N VAL A 184 -3.10 9.85 13.59
CA VAL A 184 -1.64 10.04 13.58
C VAL A 184 -1.00 9.20 14.68
N THR A 185 -1.50 9.35 15.91
CA THR A 185 -0.94 8.59 17.02
C THR A 185 -1.16 7.09 16.85
N PHE A 186 -2.35 6.70 16.38
CA PHE A 186 -2.66 5.28 16.21
C PHE A 186 -1.77 4.64 15.15
N MET A 187 -1.46 5.37 14.08
CA MET A 187 -0.72 4.78 12.97
C MET A 187 0.72 4.46 13.33
N LYS A 188 1.33 5.24 14.23
CA LYS A 188 2.72 4.98 14.59
C LYS A 188 2.91 3.65 15.29
N GLY A 189 1.86 3.09 15.90
CA GLY A 189 1.98 1.79 16.53
C GLY A 189 2.30 0.67 15.56
N VAL A 190 2.19 0.93 14.25
CA VAL A 190 2.46 -0.09 13.24
C VAL A 190 3.60 0.40 12.34
N VAL A 191 3.39 1.52 11.65
CA VAL A 191 4.38 2.10 10.76
C VAL A 191 5.16 3.13 11.57
N SER A 192 6.32 2.73 12.04
CA SER A 192 7.21 3.55 12.86
C SER A 192 8.49 2.78 13.10
N ALA A 193 9.60 3.52 13.14
CA ALA A 193 10.91 2.92 13.30
C ALA A 193 11.23 2.73 14.78
N PRO A 194 11.14 1.51 15.32
CA PRO A 194 11.55 1.30 16.72
C PRO A 194 12.93 1.85 17.02
N LEU A 195 13.80 1.91 16.01
CA LEU A 195 15.09 2.58 16.18
C LEU A 195 14.93 4.07 16.40
N ASN A 196 13.82 4.65 15.94
CA ASN A 196 13.52 6.08 16.11
C ASN A 196 12.52 6.32 17.24
N LEU A 197 11.40 5.59 17.24
CA LEU A 197 10.26 5.89 18.10
C LEU A 197 10.35 5.08 19.40
N PRO A 198 10.22 5.72 20.56
CA PRO A 198 10.30 4.98 21.82
C PRO A 198 9.15 3.99 21.97
N GLY A 199 9.40 2.96 22.79
CA GLY A 199 8.38 1.96 23.02
C GLY A 199 7.10 2.52 23.58
N THR A 200 7.18 3.68 24.24
CA THR A 200 5.98 4.31 24.77
C THR A 200 4.96 4.57 23.67
N ALA A 201 5.43 4.79 22.43
CA ALA A 201 4.51 5.08 21.33
C ALA A 201 3.54 3.93 21.09
N TYR A 202 3.96 2.69 21.35
CA TYR A 202 3.07 1.56 21.15
C TYR A 202 1.83 1.66 22.04
N HIS A 203 2.04 2.03 23.31
CA HIS A 203 0.92 2.12 24.23
C HIS A 203 0.07 3.37 23.96
N LYS A 204 0.70 4.45 23.51
CA LYS A 204 -0.08 5.60 23.05
C LYS A 204 -0.90 5.23 21.81
N ALA A 205 -0.30 4.49 20.88
CA ALA A 205 -1.05 4.02 19.72
C ALA A 205 -2.16 3.06 20.12
N LEU A 206 -1.97 2.31 21.21
CA LEU A 206 -3.00 1.41 21.68
C LEU A 206 -4.20 2.15 22.23
N GLN A 207 -3.95 3.25 22.96
CA GLN A 207 -5.07 3.99 23.54
C GLN A 207 -5.79 4.85 22.51
N SER A 208 -5.10 5.26 21.43
CA SER A 208 -5.79 5.94 20.34
C SER A 208 -6.60 4.97 19.50
N ARG A 209 -6.17 3.71 19.42
CA ARG A 209 -6.98 2.68 18.77
C ARG A 209 -8.33 2.53 19.49
N ALA A 210 -8.28 2.35 20.81
CA ALA A 210 -9.51 2.24 21.58
C ALA A 210 -10.40 3.46 21.37
N THR A 211 -9.80 4.65 21.32
CA THR A 211 -10.57 5.87 21.08
C THR A 211 -11.23 5.83 19.72
N ILE A 212 -10.49 5.43 18.68
CA ILE A 212 -11.04 5.39 17.34
C ILE A 212 -12.12 4.32 17.22
N LEU A 213 -11.96 3.21 17.94
CA LEU A 213 -12.96 2.14 17.89
C LEU A 213 -14.30 2.62 18.45
N LYS A 214 -14.28 3.33 19.57
CA LYS A 214 -15.52 3.87 20.12
C LYS A 214 -16.19 4.82 19.13
N PHE A 215 -15.40 5.66 18.46
CA PHE A 215 -15.95 6.53 17.43
C PHE A 215 -16.60 5.72 16.32
N ILE A 216 -15.89 4.69 15.83
CA ILE A 216 -16.44 3.86 14.76
C ILE A 216 -17.74 3.19 15.22
N GLU A 217 -17.80 2.79 16.49
CA GLU A 217 -19.00 2.14 16.99
C GLU A 217 -20.18 3.11 17.04
N ARG A 218 -19.93 4.37 17.42
CA ARG A 218 -20.99 5.36 17.40
C ARG A 218 -21.52 5.55 15.99
N LYS A 219 -20.62 5.72 15.01
CA LYS A 219 -21.06 5.82 13.62
C LYS A 219 -21.79 4.56 13.17
N MET A 220 -21.40 3.40 13.70
CA MET A 220 -22.12 2.18 13.39
C MET A 220 -23.57 2.25 13.87
N GLU A 221 -23.78 2.83 15.06
CA GLU A 221 -25.14 2.96 15.59
C GLU A 221 -25.96 3.92 14.74
N GLU A 222 -25.35 5.01 14.28
CA GLU A 222 -26.04 5.93 13.38
C GLU A 222 -26.46 5.22 12.10
N ARG A 223 -25.53 4.48 11.47
CA ARG A 223 -25.86 3.76 10.25
C ARG A 223 -26.93 2.70 10.50
N LYS A 224 -26.90 2.06 11.68
CA LYS A 224 -27.93 1.08 11.99
C LYS A 224 -29.30 1.72 12.06
N LEU A 225 -29.39 2.96 12.53
CA LEU A 225 -30.68 3.67 12.52
C LEU A 225 -31.07 4.08 11.11
N ASP A 226 -30.09 4.46 10.29
CA ASP A 226 -30.39 4.76 8.89
C ASP A 226 -30.97 3.56 8.18
N ILE A 227 -30.40 2.37 8.41
CA ILE A 227 -30.91 1.16 7.77
C ILE A 227 -32.30 0.82 8.30
N LYS A 228 -32.51 0.97 9.61
CA LYS A 228 -33.81 0.64 10.18
C LYS A 228 -34.91 1.50 9.57
N GLU A 229 -34.61 2.77 9.27
CA GLU A 229 -35.58 3.68 8.69
C GLU A 229 -35.55 3.66 7.16
N ARG A 230 -35.03 2.59 6.56
CA ARG A 230 -35.08 2.37 5.11
C ARG A 230 -34.70 3.63 4.34
N LYS A 231 -33.54 4.18 4.67
CA LYS A 231 -33.01 5.33 3.96
C LYS A 231 -32.07 4.88 2.85
N GLN A 232 -32.14 5.57 1.72
CA GLN A 232 -31.41 5.15 0.52
C GLN A 232 -29.91 5.46 0.67
N ARG A 233 -29.13 4.89 -0.24
CA ARG A 233 -27.67 5.07 -0.29
C ARG A 233 -26.98 4.52 0.95
N THR A 234 -27.62 3.59 1.65
CA THR A 234 -27.06 3.03 2.88
C THR A 234 -25.94 2.04 2.62
N ASP A 235 -25.77 1.57 1.39
CA ASP A 235 -24.66 0.70 1.04
C ASP A 235 -23.46 1.45 0.47
N ASP A 236 -23.53 2.78 0.39
CA ASP A 236 -22.48 3.53 -0.30
C ASP A 236 -21.15 3.51 0.44
N ASP A 237 -21.14 3.25 1.74
CA ASP A 237 -19.91 3.16 2.51
C ASP A 237 -19.75 1.76 3.08
N LEU A 238 -18.49 1.38 3.32
CA LEU A 238 -18.22 0.03 3.81
C LEU A 238 -18.98 -0.26 5.09
N LEU A 239 -19.10 0.73 5.98
CA LEU A 239 -19.82 0.52 7.22
C LEU A 239 -21.27 0.12 6.96
N GLY A 240 -21.95 0.85 6.06
CA GLY A 240 -23.32 0.51 5.75
C GLY A 240 -23.45 -0.80 5.00
N TRP A 241 -22.58 -1.03 4.02
CA TRP A 241 -22.63 -2.28 3.26
C TRP A 241 -22.49 -3.49 4.17
N VAL A 242 -21.53 -3.45 5.09
CA VAL A 242 -21.28 -4.60 5.95
C VAL A 242 -22.47 -4.85 6.87
N LEU A 243 -23.13 -3.80 7.35
CA LEU A 243 -24.27 -3.99 8.23
C LEU A 243 -25.43 -4.66 7.50
N LYS A 244 -25.64 -4.33 6.23
CA LYS A 244 -26.79 -4.87 5.50
C LYS A 244 -26.48 -6.24 4.88
N HIS A 245 -25.25 -6.46 4.43
CA HIS A 245 -24.91 -7.60 3.59
C HIS A 245 -24.02 -8.62 4.28
N SER A 246 -23.88 -8.54 5.59
CA SER A 246 -23.07 -9.51 6.32
C SER A 246 -23.62 -9.67 7.72
N ASN A 247 -23.13 -10.69 8.43
CA ASN A 247 -23.51 -10.97 9.80
C ASN A 247 -22.32 -10.85 10.74
N LEU A 248 -21.36 -9.99 10.38
CA LEU A 248 -20.24 -9.74 11.27
C LEU A 248 -20.72 -9.15 12.59
N SER A 249 -19.96 -9.41 13.65
CA SER A 249 -20.27 -8.82 14.95
C SER A 249 -19.79 -7.38 15.00
N THR A 250 -20.08 -6.70 16.11
CA THR A 250 -19.60 -5.34 16.29
C THR A 250 -18.07 -5.29 16.27
N GLU A 251 -17.43 -6.16 17.05
CA GLU A 251 -15.98 -6.17 17.12
C GLU A 251 -15.36 -6.40 15.74
N GLN A 252 -15.95 -7.30 14.95
CA GLN A 252 -15.40 -7.60 13.64
C GLN A 252 -15.57 -6.44 12.67
N ILE A 253 -16.70 -5.74 12.74
CA ILE A 253 -16.91 -4.57 11.90
C ILE A 253 -15.90 -3.48 12.26
N LEU A 254 -15.77 -3.18 13.55
CA LEU A 254 -14.81 -2.16 14.00
C LEU A 254 -13.42 -2.44 13.46
N ASP A 255 -12.89 -3.65 13.72
CA ASP A 255 -11.58 -4.00 13.22
C ASP A 255 -11.51 -3.86 11.70
N LEU A 256 -12.57 -4.27 11.00
CA LEU A 256 -12.56 -4.20 9.54
C LEU A 256 -12.42 -2.76 9.06
N ILE A 257 -13.27 -1.87 9.59
CA ILE A 257 -13.24 -0.47 9.15
C ILE A 257 -11.89 0.15 9.46
N LEU A 258 -11.36 -0.09 10.67
CA LEU A 258 -10.12 0.58 11.07
C LEU A 258 -8.93 0.06 10.29
N SER A 259 -8.81 -1.26 10.16
CA SER A 259 -7.67 -1.82 9.43
C SER A 259 -7.70 -1.42 7.95
N LEU A 260 -8.89 -1.40 7.35
CA LEU A 260 -8.99 -1.01 5.94
C LEU A 260 -8.66 0.46 5.75
N LEU A 261 -9.09 1.32 6.67
CA LEU A 261 -8.68 2.72 6.61
C LEU A 261 -7.15 2.82 6.59
N PHE A 262 -6.49 2.14 7.53
CA PHE A 262 -5.04 2.07 7.52
C PHE A 262 -4.52 1.50 6.21
N ALA A 263 -5.08 0.37 5.78
CA ALA A 263 -4.60 -0.29 4.57
C ALA A 263 -4.68 0.63 3.37
N GLY A 264 -5.88 1.15 3.07
CA GLY A 264 -6.05 2.00 1.90
C GLY A 264 -5.27 3.29 1.97
N HIS A 265 -5.00 3.79 3.18
CA HIS A 265 -4.41 5.11 3.32
C HIS A 265 -2.89 5.06 3.22
N GLU A 266 -2.24 4.16 3.97
CA GLU A 266 -0.79 4.17 4.06
C GLU A 266 -0.14 3.85 2.72
N THR A 267 -0.65 2.84 2.00
CA THR A 267 -0.02 2.43 0.76
C THR A 267 -0.30 3.44 -0.36
N SER A 268 -1.55 3.86 -0.50
CA SER A 268 -1.91 4.75 -1.60
C SER A 268 -1.12 6.06 -1.54
N SER A 269 -1.01 6.66 -0.35
CA SER A 269 -0.35 7.95 -0.24
C SER A 269 1.11 7.87 -0.66
N VAL A 270 1.81 6.81 -0.24
CA VAL A 270 3.22 6.69 -0.62
C VAL A 270 3.37 6.38 -2.09
N ALA A 271 2.44 5.61 -2.66
CA ALA A 271 2.49 5.33 -4.10
C ALA A 271 2.38 6.62 -4.90
N ILE A 272 1.38 7.44 -4.60
CA ILE A 272 1.20 8.70 -5.31
C ILE A 272 2.42 9.58 -5.14
N ALA A 273 2.92 9.69 -3.91
CA ALA A 273 4.12 10.48 -3.66
C ALA A 273 5.33 9.94 -4.43
N LEU A 274 5.39 8.62 -4.61
CA LEU A 274 6.47 8.04 -5.40
C LEU A 274 6.37 8.43 -6.87
N ALA A 275 5.16 8.36 -7.44
CA ALA A 275 4.96 8.81 -8.81
C ALA A 275 5.40 10.25 -8.98
N ILE A 276 4.98 11.13 -8.06
CA ILE A 276 5.36 12.53 -8.13
C ILE A 276 6.86 12.69 -8.09
N PHE A 277 7.55 11.86 -7.30
CA PHE A 277 9.00 11.94 -7.20
C PHE A 277 9.68 11.49 -8.49
N PHE A 278 9.28 10.32 -9.01
CA PHE A 278 9.90 9.80 -10.22
C PHE A 278 9.66 10.73 -11.40
N LEU A 279 8.40 11.08 -11.65
CA LEU A 279 8.08 11.91 -12.81
C LEU A 279 8.88 13.21 -12.80
N GLN A 280 9.08 13.80 -11.63
CA GLN A 280 9.83 15.05 -11.54
C GLN A 280 11.22 14.90 -12.14
N ALA A 281 11.77 13.69 -12.15
CA ALA A 281 13.09 13.44 -12.72
C ALA A 281 13.04 12.84 -14.13
N CYS A 282 11.85 12.50 -14.62
CA CYS A 282 11.67 11.94 -15.96
C CYS A 282 10.72 12.85 -16.74
N PRO A 283 11.20 14.02 -17.17
CA PRO A 283 10.31 14.93 -17.91
C PRO A 283 9.67 14.29 -19.13
N LYS A 284 10.42 13.45 -19.83
CA LYS A 284 9.89 12.78 -21.02
C LYS A 284 8.62 12.02 -20.71
N ALA A 285 8.53 11.42 -19.52
CA ALA A 285 7.33 10.69 -19.14
C ALA A 285 6.17 11.63 -18.87
N VAL A 286 6.44 12.77 -18.24
CA VAL A 286 5.39 13.76 -18.03
C VAL A 286 4.94 14.34 -19.37
N GLU A 287 5.89 14.58 -20.28
CA GLU A 287 5.53 15.06 -21.61
C GLU A 287 4.59 14.10 -22.31
N GLU A 288 4.95 12.81 -22.35
CA GLU A 288 4.09 11.83 -22.99
C GLU A 288 2.83 11.57 -22.18
N LEU A 289 2.93 11.65 -20.84
CA LEU A 289 1.73 11.55 -20.01
C LEU A 289 0.76 12.68 -20.34
N ARG A 290 1.27 13.90 -20.53
CA ARG A 290 0.40 15.03 -20.80
C ARG A 290 -0.32 14.87 -22.13
N GLU A 291 0.37 14.35 -23.14
CA GLU A 291 -0.29 14.08 -24.42
C GLU A 291 -1.40 13.06 -24.25
N GLU A 292 -1.13 11.98 -23.52
CA GLU A 292 -2.12 10.92 -23.35
C GLU A 292 -3.38 11.45 -22.68
N HIS A 293 -3.23 12.36 -21.72
CA HIS A 293 -4.39 12.91 -21.03
C HIS A 293 -4.97 14.14 -21.72
N LEU A 294 -4.18 14.84 -22.53
CA LEU A 294 -4.72 15.92 -23.34
C LEU A 294 -5.70 15.38 -24.39
N GLU A 295 -5.29 14.32 -25.10
CA GLU A 295 -6.15 13.72 -26.11
C GLU A 295 -7.28 12.89 -25.51
N ILE A 296 -7.26 12.66 -24.19
CA ILE A 296 -8.41 12.07 -23.52
C ILE A 296 -9.39 13.13 -23.07
N ALA A 297 -8.89 14.29 -22.64
CA ALA A 297 -9.76 15.38 -22.22
C ALA A 297 -10.35 16.11 -23.41
N ARG A 298 -9.53 16.40 -24.43
CA ARG A 298 -10.06 17.03 -25.64
C ARG A 298 -11.17 16.19 -26.26
N ALA A 299 -11.12 14.88 -26.07
CA ALA A 299 -12.23 14.02 -26.47
C ALA A 299 -13.38 14.04 -25.49
N LYS A 300 -13.14 14.50 -24.25
CA LYS A 300 -14.23 14.64 -23.30
C LYS A 300 -15.02 15.93 -23.54
N LYS A 301 -14.33 17.01 -23.90
CA LYS A 301 -15.04 18.25 -24.23
C LYS A 301 -15.87 18.09 -25.50
N GLU A 302 -15.40 17.28 -26.45
CA GLU A 302 -16.18 17.05 -27.68
C GLU A 302 -17.57 16.52 -27.36
N LEU A 303 -17.70 15.74 -26.29
CA LEU A 303 -18.99 15.21 -25.86
C LEU A 303 -19.59 16.01 -24.71
N GLY A 304 -19.02 17.16 -24.38
CA GLY A 304 -19.51 17.97 -23.28
C GLY A 304 -19.51 17.20 -21.98
N GLU A 305 -18.42 16.51 -21.67
CA GLU A 305 -18.29 15.68 -20.49
C GLU A 305 -17.32 16.32 -19.50
N SER A 306 -17.71 16.33 -18.23
CA SER A 306 -16.87 16.83 -17.14
C SER A 306 -16.35 15.72 -16.24
N GLU A 307 -17.21 14.77 -15.87
CA GLU A 307 -16.80 13.67 -15.01
C GLU A 307 -16.09 12.58 -15.82
N LEU A 308 -15.14 11.92 -15.19
CA LEU A 308 -14.50 10.76 -15.78
C LEU A 308 -15.42 9.55 -15.68
N ASN A 309 -15.32 8.67 -16.67
CA ASN A 309 -16.01 7.38 -16.64
C ASN A 309 -14.99 6.28 -16.89
N TRP A 310 -15.43 5.04 -16.70
CA TRP A 310 -14.52 3.91 -16.77
C TRP A 310 -13.77 3.88 -18.10
N ASP A 311 -14.44 4.23 -19.20
CA ASP A 311 -13.81 4.16 -20.50
C ASP A 311 -12.58 5.05 -20.59
N ASP A 312 -12.68 6.28 -20.09
CA ASP A 312 -11.52 7.16 -20.05
C ASP A 312 -10.36 6.51 -19.31
N TYR A 313 -10.68 5.77 -18.24
CA TYR A 313 -9.63 5.09 -17.49
C TYR A 313 -8.91 4.05 -18.34
N LYS A 314 -9.69 3.23 -19.07
CA LYS A 314 -9.08 2.20 -19.91
C LYS A 314 -8.24 2.80 -21.04
N LYS A 315 -8.48 4.06 -21.40
CA LYS A 315 -7.69 4.70 -22.44
C LYS A 315 -6.30 5.08 -21.97
N MET A 316 -6.07 5.10 -20.66
CA MET A 316 -4.76 5.48 -20.10
C MET A 316 -3.88 4.23 -20.07
N ASP A 317 -3.17 4.00 -21.17
CA ASP A 317 -2.26 2.86 -21.23
C ASP A 317 -0.85 3.21 -20.79
N PHE A 318 -0.40 4.44 -21.05
CA PHE A 318 0.95 4.84 -20.64
C PHE A 318 1.01 5.14 -19.15
N THR A 319 -0.10 5.58 -18.56
CA THR A 319 -0.12 5.78 -17.11
C THR A 319 -0.02 4.45 -16.37
N GLN A 320 -0.73 3.43 -16.87
CA GLN A 320 -0.56 2.09 -16.32
C GLN A 320 0.88 1.64 -16.40
N CYS A 321 1.64 2.14 -17.39
CA CYS A 321 3.06 1.85 -17.46
C CYS A 321 3.82 2.55 -16.35
N VAL A 322 3.59 3.86 -16.17
CA VAL A 322 4.26 4.59 -15.11
C VAL A 322 3.86 4.04 -13.76
N ILE A 323 2.60 3.63 -13.61
CA ILE A 323 2.15 3.01 -12.36
C ILE A 323 2.99 1.77 -12.08
N ASN A 324 3.00 0.82 -13.02
CA ASN A 324 3.84 -0.37 -12.87
C ASN A 324 5.28 0.01 -12.56
N GLU A 325 5.83 0.97 -13.30
CA GLU A 325 7.22 1.37 -13.09
C GLU A 325 7.41 2.02 -11.73
N THR A 326 6.41 2.77 -11.25
CA THR A 326 6.49 3.36 -9.93
C THR A 326 6.51 2.29 -8.84
N LEU A 327 5.55 1.37 -8.88
CA LEU A 327 5.53 0.29 -7.90
C LEU A 327 6.75 -0.61 -8.03
N ARG A 328 7.27 -0.79 -9.25
CA ARG A 328 8.45 -1.62 -9.43
C ARG A 328 9.67 -1.01 -8.76
N LEU A 329 9.87 0.29 -8.95
CA LEU A 329 11.06 0.95 -8.45
C LEU A 329 10.92 1.43 -7.01
N GLY A 330 9.76 1.98 -6.65
CA GLY A 330 9.53 2.50 -5.31
C GLY A 330 9.36 1.43 -4.27
N ASN A 331 8.65 0.35 -4.62
CA ASN A 331 8.44 -0.77 -3.71
C ASN A 331 7.78 -0.32 -2.41
N VAL A 332 6.46 -0.07 -2.46
CA VAL A 332 5.74 0.36 -1.28
C VAL A 332 5.89 -0.66 -0.16
N VAL A 333 5.76 -1.94 -0.49
CA VAL A 333 5.97 -3.03 0.46
C VAL A 333 7.30 -3.68 0.13
N ARG A 334 8.17 -3.79 1.15
CA ARG A 334 9.49 -4.37 0.97
C ARG A 334 9.47 -5.89 1.04
N PHE A 335 8.77 -6.45 2.02
CA PHE A 335 8.73 -7.89 2.21
C PHE A 335 7.45 -8.23 2.97
N LEU A 336 7.16 -9.53 3.02
CA LEU A 336 6.00 -10.03 3.74
C LEU A 336 6.45 -10.96 4.86
N HIS A 337 5.60 -11.10 5.87
CA HIS A 337 5.84 -12.01 6.98
C HIS A 337 5.07 -13.31 6.75
N ARG A 338 5.77 -14.44 6.87
CA ARG A 338 5.17 -15.74 6.68
C ARG A 338 5.76 -16.72 7.69
N LYS A 339 5.09 -17.86 7.82
CA LYS A 339 5.52 -18.93 8.71
C LYS A 339 5.31 -20.27 8.01
N ALA A 340 6.29 -21.14 8.13
CA ALA A 340 6.19 -22.46 7.52
C ALA A 340 5.23 -23.34 8.32
N LEU A 341 4.23 -23.89 7.63
CA LEU A 341 3.30 -24.83 8.25
C LEU A 341 3.79 -26.27 8.16
N LYS A 342 4.73 -26.55 7.26
CA LYS A 342 5.27 -27.88 7.08
C LYS A 342 6.78 -27.78 6.88
N ASP A 343 7.46 -28.92 6.97
CA ASP A 343 8.82 -29.00 6.46
C ASP A 343 8.78 -28.88 4.95
N VAL A 344 9.46 -27.88 4.43
CA VAL A 344 9.41 -27.57 3.00
C VAL A 344 10.81 -27.64 2.42
N ARG A 345 10.89 -28.04 1.14
CA ARG A 345 12.14 -28.15 0.41
C ARG A 345 12.02 -27.34 -0.87
N TYR A 346 13.01 -26.50 -1.15
CA TYR A 346 13.03 -25.71 -2.37
C TYR A 346 14.48 -25.45 -2.75
N LYS A 347 14.82 -25.78 -4.00
CA LYS A 347 16.20 -25.67 -4.48
C LYS A 347 17.18 -26.32 -3.51
N GLY A 348 16.81 -27.51 -3.05
CA GLY A 348 17.63 -28.26 -2.13
C GLY A 348 17.81 -27.65 -0.77
N TYR A 349 16.99 -26.68 -0.40
CA TYR A 349 17.05 -26.02 0.90
C TYR A 349 15.84 -26.41 1.72
N ASP A 350 16.07 -26.76 2.98
CA ASP A 350 14.99 -27.14 3.89
C ASP A 350 14.49 -25.92 4.66
N ILE A 351 13.18 -25.72 4.63
CA ILE A 351 12.54 -24.72 5.48
C ILE A 351 11.73 -25.49 6.53
N PRO A 352 12.27 -25.70 7.72
CA PRO A 352 11.56 -26.53 8.70
C PRO A 352 10.31 -25.86 9.21
N SER A 353 9.32 -26.69 9.55
CA SER A 353 8.05 -26.19 10.07
C SER A 353 8.28 -25.24 11.24
N GLY A 354 7.43 -24.22 11.33
CA GLY A 354 7.50 -23.25 12.39
C GLY A 354 8.43 -22.09 12.15
N TRP A 355 9.37 -22.22 11.22
CA TRP A 355 10.30 -21.14 10.94
C TRP A 355 9.60 -19.97 10.27
N LYS A 356 10.03 -18.76 10.63
CA LYS A 356 9.60 -17.58 9.90
C LYS A 356 10.22 -17.58 8.51
N VAL A 357 9.45 -17.09 7.54
CA VAL A 357 9.90 -16.96 6.16
C VAL A 357 9.49 -15.58 5.67
N LEU A 358 10.48 -14.81 5.20
CA LEU A 358 10.25 -13.45 4.74
C LEU A 358 10.45 -13.38 3.23
N PRO A 359 9.38 -13.52 2.43
CA PRO A 359 9.52 -13.29 0.99
C PRO A 359 9.74 -11.82 0.68
N VAL A 360 10.95 -11.47 0.25
CA VAL A 360 11.29 -10.09 -0.08
C VAL A 360 10.79 -9.80 -1.48
N ILE A 361 9.49 -9.49 -1.60
CA ILE A 361 8.86 -9.34 -2.90
C ILE A 361 9.50 -8.23 -3.73
N SER A 362 10.22 -7.31 -3.09
CA SER A 362 10.86 -6.22 -3.82
C SER A 362 12.16 -6.62 -4.49
N ALA A 363 12.66 -7.83 -4.23
CA ALA A 363 13.97 -8.23 -4.74
C ALA A 363 13.96 -8.39 -6.25
N VAL A 364 12.97 -9.12 -6.78
CA VAL A 364 12.92 -9.36 -8.22
C VAL A 364 12.80 -8.05 -8.99
N HIS A 365 12.13 -7.06 -8.40
CA HIS A 365 11.93 -5.79 -9.10
C HIS A 365 13.25 -5.09 -9.39
N LEU A 366 14.27 -5.34 -8.57
CA LEU A 366 15.58 -4.71 -8.74
C LEU A 366 16.63 -5.66 -9.28
N ASP A 367 16.22 -6.83 -9.78
CA ASP A 367 17.16 -7.83 -10.26
C ASP A 367 17.54 -7.52 -11.71
N ASN A 368 18.82 -7.25 -11.94
CA ASN A 368 19.28 -6.86 -13.27
C ASN A 368 19.36 -8.04 -14.23
N SER A 369 18.94 -9.23 -13.83
CA SER A 369 18.81 -10.37 -14.74
C SER A 369 17.39 -10.55 -15.24
N ARG A 370 16.45 -9.76 -14.71
CA ARG A 370 15.06 -9.76 -15.15
C ARG A 370 14.62 -8.43 -15.74
N TYR A 371 15.26 -7.33 -15.35
CA TYR A 371 15.00 -6.01 -15.90
C TYR A 371 16.31 -5.38 -16.34
N ASP A 372 16.29 -4.70 -17.48
CA ASP A 372 17.48 -4.02 -17.98
C ASP A 372 17.60 -2.68 -17.28
N GLN A 373 18.75 -2.46 -16.63
CA GLN A 373 18.94 -1.26 -15.80
C GLN A 373 17.77 -1.14 -14.83
N PRO A 374 17.72 -1.98 -13.80
CA PRO A 374 16.55 -1.99 -12.91
C PRO A 374 16.43 -0.75 -12.04
N ASN A 375 17.52 -0.05 -11.78
CA ASN A 375 17.49 1.14 -10.92
C ASN A 375 17.19 2.42 -11.69
N LEU A 376 16.77 2.32 -12.94
CA LEU A 376 16.40 3.47 -13.75
C LEU A 376 14.89 3.49 -13.93
N PHE A 377 14.27 4.64 -13.70
CA PHE A 377 12.83 4.81 -13.89
C PHE A 377 12.54 4.86 -15.39
N ASN A 378 12.16 3.71 -15.95
CA ASN A 378 11.89 3.59 -17.38
C ASN A 378 10.48 3.04 -17.57
N PRO A 379 9.48 3.92 -17.69
CA PRO A 379 8.10 3.43 -17.86
C PRO A 379 7.89 2.66 -19.15
N TRP A 380 8.68 2.94 -20.20
CA TRP A 380 8.48 2.28 -21.48
C TRP A 380 8.93 0.82 -21.48
N ARG A 381 9.61 0.37 -20.43
CA ARG A 381 9.96 -1.04 -20.34
C ARG A 381 8.73 -1.94 -20.29
N TRP A 382 7.56 -1.37 -20.04
CA TRP A 382 6.34 -2.15 -19.82
C TRP A 382 5.53 -2.37 -21.08
N GLN A 383 5.93 -1.76 -22.21
CA GLN A 383 5.44 -2.24 -23.50
C GLN A 383 6.15 -3.52 -23.90
N GLN A 384 7.41 -3.69 -23.46
CA GLN A 384 8.12 -4.95 -23.61
C GLN A 384 7.72 -5.94 -22.53
N GLN A 385 7.92 -5.57 -21.26
CA GLN A 385 7.61 -6.44 -20.15
C GLN A 385 6.10 -6.56 -19.95
N ASN A 386 5.70 -7.50 -19.09
CA ASN A 386 4.31 -7.65 -18.72
C ASN A 386 4.24 -8.10 -17.26
N THR A 387 3.05 -8.01 -16.69
CA THR A 387 2.84 -8.33 -15.28
C THR A 387 2.54 -9.80 -15.04
N TRP A 388 2.64 -10.65 -16.06
CA TRP A 388 2.51 -12.08 -15.87
C TRP A 388 3.85 -12.67 -15.41
N GLY A 389 3.76 -13.80 -14.73
CA GLY A 389 4.95 -14.55 -14.32
C GLY A 389 5.28 -14.33 -12.86
N ASN A 390 6.55 -14.04 -12.57
CA ASN A 390 6.97 -13.71 -11.21
C ASN A 390 8.02 -12.60 -11.19
N ASN A 391 8.13 -11.83 -12.27
CA ASN A 391 9.02 -10.67 -12.29
C ASN A 391 8.41 -9.45 -11.61
N TYR A 392 7.10 -9.46 -11.38
CA TYR A 392 6.38 -8.29 -10.88
C TYR A 392 5.39 -8.77 -9.84
N MET A 393 5.59 -8.34 -8.58
CA MET A 393 4.74 -8.78 -7.48
C MET A 393 4.66 -7.72 -6.40
N PRO A 394 4.33 -6.46 -6.74
CA PRO A 394 4.22 -5.43 -5.69
C PRO A 394 3.00 -5.60 -4.80
N PHE A 395 1.99 -6.34 -5.24
CA PHE A 395 0.79 -6.57 -4.45
C PHE A 395 0.77 -7.96 -3.81
N GLY A 396 1.90 -8.65 -3.80
CA GLY A 396 1.93 -10.02 -3.32
C GLY A 396 1.36 -10.99 -4.34
N GLY A 397 0.63 -11.98 -3.88
CA GLY A 397 0.01 -12.94 -4.78
C GLY A 397 -0.70 -14.02 -4.01
N GLY A 398 -1.28 -14.96 -4.76
CA GLY A 398 -1.97 -16.08 -4.18
C GLY A 398 -3.27 -15.68 -3.52
N PRO A 399 -3.67 -16.41 -2.48
CA PRO A 399 -4.94 -16.11 -1.80
C PRO A 399 -4.94 -14.79 -1.05
N ARG A 400 -3.78 -14.14 -0.90
CA ARG A 400 -3.70 -12.86 -0.20
C ARG A 400 -3.23 -11.75 -1.12
N LEU A 401 -3.37 -11.92 -2.43
CA LEU A 401 -3.13 -10.84 -3.37
C LEU A 401 -3.95 -9.62 -2.95
N CYS A 402 -3.30 -8.45 -2.95
CA CYS A 402 -3.89 -7.23 -2.41
C CYS A 402 -5.32 -7.01 -2.89
N ALA A 403 -6.29 -7.14 -1.98
CA ALA A 403 -7.70 -6.99 -2.32
C ALA A 403 -8.06 -5.57 -2.75
N GLY A 404 -7.16 -4.61 -2.60
CA GLY A 404 -7.43 -3.25 -3.03
C GLY A 404 -6.51 -2.77 -4.13
N SER A 405 -5.86 -3.73 -4.81
CA SER A 405 -4.87 -3.36 -5.83
C SER A 405 -5.52 -2.57 -6.96
N GLU A 406 -6.75 -2.92 -7.33
CA GLU A 406 -7.42 -2.20 -8.41
C GLU A 406 -7.78 -0.78 -7.98
N LEU A 407 -8.32 -0.61 -6.78
CA LEU A 407 -8.60 0.73 -6.28
C LEU A 407 -7.33 1.57 -6.23
N ALA A 408 -6.22 0.96 -5.82
CA ALA A 408 -4.96 1.71 -5.72
C ALA A 408 -4.50 2.18 -7.09
N LYS A 409 -4.66 1.35 -8.13
CA LYS A 409 -4.28 1.78 -9.46
C LYS A 409 -5.21 2.88 -9.97
N LEU A 410 -6.51 2.76 -9.71
CA LEU A 410 -7.43 3.83 -10.07
C LEU A 410 -7.06 5.13 -9.36
N GLU A 411 -6.76 5.05 -8.07
CA GLU A 411 -6.32 6.23 -7.33
C GLU A 411 -5.13 6.90 -8.01
N MET A 412 -4.12 6.11 -8.35
CA MET A 412 -2.93 6.68 -8.99
C MET A 412 -3.24 7.24 -10.37
N ALA A 413 -4.13 6.58 -11.11
CA ALA A 413 -4.44 7.01 -12.47
C ALA A 413 -5.16 8.36 -12.47
N VAL A 414 -6.29 8.44 -11.76
CA VAL A 414 -7.07 9.68 -11.75
C VAL A 414 -6.21 10.85 -11.28
N PHE A 415 -5.42 10.63 -10.23
CA PHE A 415 -4.62 11.72 -9.69
C PHE A 415 -3.58 12.21 -10.70
N ILE A 416 -2.91 11.29 -11.39
CA ILE A 416 -1.95 11.69 -12.41
C ILE A 416 -2.65 12.42 -13.54
N HIS A 417 -3.87 11.98 -13.88
CA HIS A 417 -4.63 12.60 -14.96
C HIS A 417 -4.72 14.11 -14.77
N HIS A 418 -5.32 14.55 -13.68
CA HIS A 418 -5.47 15.99 -13.44
C HIS A 418 -4.14 16.63 -13.06
N LEU A 419 -3.24 15.87 -12.44
CA LEU A 419 -1.96 16.44 -12.01
C LEU A 419 -1.17 16.96 -13.21
N VAL A 420 -0.98 16.11 -14.23
CA VAL A 420 -0.18 16.52 -15.38
C VAL A 420 -0.92 17.57 -16.20
N LEU A 421 -2.26 17.53 -16.20
CA LEU A 421 -3.00 18.51 -16.97
C LEU A 421 -2.87 19.91 -16.38
N LYS A 422 -2.79 20.01 -15.06
CA LYS A 422 -2.85 21.30 -14.39
C LYS A 422 -1.46 21.91 -14.14
N PHE A 423 -0.46 21.10 -13.82
CA PHE A 423 0.80 21.64 -13.37
C PHE A 423 1.98 20.91 -14.00
N ASN A 424 3.07 21.66 -14.17
CA ASN A 424 4.41 21.11 -14.07
C ASN A 424 4.87 21.22 -12.63
N TRP A 425 5.98 20.56 -12.31
CA TRP A 425 6.47 20.64 -10.94
C TRP A 425 7.92 20.15 -10.89
N GLU A 426 8.64 20.65 -9.89
CA GLU A 426 10.04 20.29 -9.68
C GLU A 426 10.30 20.16 -8.19
N LEU A 427 11.44 19.54 -7.87
CA LEU A 427 11.79 19.26 -6.48
C LEU A 427 12.24 20.55 -5.80
N ALA A 428 11.61 20.90 -4.68
CA ALA A 428 11.97 22.11 -3.96
C ALA A 428 13.27 21.96 -3.20
N GLU A 429 13.60 20.73 -2.78
CA GLU A 429 14.89 20.47 -2.13
C GLU A 429 15.21 19.00 -2.29
N ASP A 430 16.48 18.67 -2.07
CA ASP A 430 16.92 17.28 -2.19
C ASP A 430 16.09 16.37 -1.30
N ASP A 431 15.70 15.21 -1.86
CA ASP A 431 14.90 14.26 -1.12
C ASP A 431 14.86 12.95 -1.89
N LYS A 432 15.04 11.85 -1.18
CA LYS A 432 14.90 10.51 -1.72
C LYS A 432 13.95 9.71 -0.82
N PRO A 433 13.19 8.78 -1.41
CA PRO A 433 12.40 7.88 -0.57
C PRO A 433 13.30 6.90 0.17
N PHE A 434 12.98 6.65 1.43
CA PHE A 434 13.70 5.69 2.25
C PHE A 434 12.73 4.64 2.79
N ALA A 435 13.26 3.45 3.04
CA ALA A 435 12.49 2.35 3.59
C ALA A 435 12.88 2.17 5.05
N PHE A 436 11.89 2.20 5.94
CA PHE A 436 12.16 2.19 7.37
C PHE A 436 11.63 0.96 8.11
N PRO A 437 11.11 -0.08 7.43
CA PRO A 437 10.98 -0.42 6.00
C PRO A 437 9.81 0.28 5.30
N PHE A 438 8.91 0.90 6.05
CA PHE A 438 7.85 1.68 5.42
C PHE A 438 8.47 2.83 4.65
N VAL A 439 7.99 3.05 3.42
CA VAL A 439 8.57 4.05 2.53
C VAL A 439 8.12 5.43 2.98
N ASP A 440 9.07 6.36 3.06
CA ASP A 440 8.79 7.70 3.55
C ASP A 440 9.85 8.65 3.02
N PHE A 441 9.44 9.87 2.70
CA PHE A 441 10.36 10.91 2.26
C PHE A 441 10.81 11.72 3.48
N PRO A 442 12.08 11.63 3.88
CA PRO A 442 12.48 12.28 5.14
C PRO A 442 12.20 13.77 5.19
N ASN A 443 12.23 14.47 4.06
CA ASN A 443 11.99 15.90 4.02
C ASN A 443 10.58 16.24 3.52
N GLY A 444 9.68 15.26 3.52
CA GLY A 444 8.29 15.50 3.13
C GLY A 444 8.05 15.68 1.65
N LEU A 445 9.08 15.52 0.80
CA LEU A 445 8.95 15.67 -0.64
C LEU A 445 8.43 17.07 -0.99
N LEU A 446 9.16 18.07 -0.53
CA LEU A 446 8.81 19.45 -0.85
C LEU A 446 8.93 19.68 -2.35
N ILE A 447 7.88 20.26 -2.94
CA ILE A 447 7.84 20.49 -4.38
C ILE A 447 7.36 21.92 -4.63
N ARG A 448 7.46 22.33 -5.89
CA ARG A 448 6.99 23.62 -6.36
C ARG A 448 6.31 23.42 -7.70
N VAL A 449 5.09 23.91 -7.84
CA VAL A 449 4.30 23.70 -9.04
C VAL A 449 4.22 24.99 -9.83
N SER A 450 3.87 24.86 -11.11
CA SER A 450 3.62 26.00 -11.98
C SER A 450 2.54 25.61 -12.96
N ARG A 451 1.45 26.35 -12.97
CA ARG A 451 0.30 26.02 -13.80
C ARG A 451 0.68 26.07 -15.28
N ILE A 452 -0.07 25.32 -16.07
CA ILE A 452 0.17 25.24 -17.51
C ILE A 452 -0.81 26.16 -18.22
N LEU A 453 -0.43 26.58 -19.43
CA LEU A 453 -1.29 27.42 -20.25
C LEU A 453 -1.36 26.88 -21.68
#